data_1F4W
#
_entry.id   1F4W
#
_cell.length_a   45.670
_cell.length_b   113.320
_cell.length_c   46.210
_cell.angle_alpha   90.00
_cell.angle_beta   100.69
_cell.angle_gamma   90.00
#
_symmetry.space_group_name_H-M   'P 1 21 1'
#
loop_
_entity.id
_entity.type
_entity.pdbx_description
1 polymer 'ANTIBODY S-20-4, FAB FRAGMENT, LIGHT CHAIN'
2 polymer 'ANTIBODY S-20-4, FAB FRAGMENT, HEAVY CHAIN'
3 water water
#
loop_
_entity_poly.entity_id
_entity_poly.type
_entity_poly.pdbx_seq_one_letter_code
_entity_poly.pdbx_strand_id
1 'polypeptide(L)'
;QAVVTQESALTTSPGETVTLTCRSSTGTVTTSNYANWVQEKPDHLFTGLIGATNNRAAGVPVRFSGSLIGGKAALTITGA
QTEDEAIYFCALWYSGHWVFGGGTKLTVLGQPKSSPSVTLFPPSSEELETNKATLVCTITDFYPGVVTVDWKVDGTPVTQ
GMETTNPSKQSNNKYMASSYLTLTARAWERHSSYSCQVTHEGHTVEKSLS
;
L
2 'polypeptide(L)'
;EVQLEESGGGLVTPGGSLRLSCAASGYVFSTYDMSWVRQTPEKRLEWVAFISSGGGRTSYPDTVKGRFTISRDDAKNTLY
LQMSSLQSEDTAMYYCTRHFYAVLDYWGRGTTLTVSSAKTTPPSVYPLAPGSAAQTNSMVTLGCLVKGYFPEPVTVTWNS
GSLSSGVHTFPAVLQSDLYTLSSSVTVPSSTWPSETVTCNVAHPASSTKVDKKIVP
;
H
#
# COMPACT_ATOMS: atom_id res chain seq x y z
N GLN A 1 22.77 -1.58 10.81
CA GLN A 1 22.45 -0.24 11.40
C GLN A 1 21.19 -0.20 12.24
N ALA A 2 20.82 1.05 12.60
CA ALA A 2 19.68 1.27 13.47
C ALA A 2 18.33 0.76 12.97
N VAL A 3 17.49 0.38 13.93
CA VAL A 3 16.14 -0.04 13.64
C VAL A 3 15.27 1.02 14.32
N VAL A 4 14.46 1.71 13.53
CA VAL A 4 13.62 2.78 13.99
C VAL A 4 12.20 2.26 14.14
N THR A 5 11.61 2.48 15.34
CA THR A 5 10.27 1.97 15.48
C THR A 5 9.30 3.03 15.89
N GLN A 6 8.06 2.95 15.50
CA GLN A 6 7.00 3.87 15.69
C GLN A 6 5.72 3.12 16.05
N GLU A 7 4.70 3.80 16.61
CA GLU A 7 3.48 3.10 16.95
C GLU A 7 2.95 2.69 15.55
N SER A 8 2.28 1.55 15.51
CA SER A 8 1.65 1.12 14.27
C SER A 8 0.43 1.87 13.88
N ALA A 9 -0.37 2.16 14.92
CA ALA A 9 -1.67 2.77 14.59
C ALA A 9 -2.16 3.49 15.82
N LEU A 10 -2.88 4.57 15.55
CA LEU A 10 -3.36 5.38 16.66
C LEU A 10 -4.68 5.98 16.20
N THR A 11 -5.51 6.18 17.20
CA THR A 11 -6.81 6.76 16.92
C THR A 11 -7.07 8.01 17.77
N THR A 12 -7.61 9.05 17.12
CA THR A 12 -7.95 10.19 17.94
C THR A 12 -9.24 10.77 17.39
N SER A 13 -9.73 11.76 18.17
CA SER A 13 -10.94 12.48 17.87
C SER A 13 -10.50 13.88 17.45
N PRO A 14 -11.24 14.57 16.64
CA PRO A 14 -10.86 15.91 16.17
C PRO A 14 -10.97 16.92 17.32
N GLY A 15 -10.00 17.82 17.42
CA GLY A 15 -10.00 18.81 18.50
C GLY A 15 -9.10 18.29 19.63
N GLU A 16 -8.78 16.99 19.57
CA GLU A 16 -7.92 16.38 20.58
C GLU A 16 -6.45 16.53 20.28
N THR A 17 -5.62 16.14 21.21
CA THR A 17 -4.18 16.17 21.12
C THR A 17 -3.61 14.75 21.20
N VAL A 18 -2.72 14.43 20.28
CA VAL A 18 -2.15 13.12 20.20
C VAL A 18 -0.62 13.28 20.04
N THR A 19 0.11 12.26 20.45
CA THR A 19 1.56 12.34 20.28
C THR A 19 2.02 11.01 19.65
N LEU A 20 2.93 11.08 18.70
CA LEU A 20 3.43 9.92 18.01
C LEU A 20 4.91 9.87 18.38
N THR A 21 5.42 8.66 18.62
CA THR A 21 6.79 8.58 19.07
C THR A 21 7.64 7.81 18.07
N CYS A 22 8.93 8.00 18.13
CA CYS A 22 9.87 7.40 17.23
C CYS A 22 11.13 7.00 18.01
N ARG A 23 11.43 5.74 18.07
CA ARG A 23 12.55 5.21 18.81
C ARG A 23 13.58 4.52 17.96
N SER A 24 14.81 4.61 18.40
CA SER A 24 15.92 3.99 17.70
C SER A 24 16.35 2.75 18.44
N SER A 25 16.82 1.73 17.77
CA SER A 25 17.27 0.51 18.47
C SER A 25 18.60 0.77 19.16
N THR A 26 19.33 1.75 18.63
CA THR A 26 20.62 2.24 19.03
C THR A 26 20.72 2.79 20.43
N GLY A 27 19.56 3.12 21.02
CA GLY A 27 19.57 3.61 22.38
C GLY A 27 18.70 4.78 22.71
N THR A 28 19.15 5.96 22.25
CA THR A 28 18.40 7.17 22.59
C THR A 28 18.46 8.18 21.45
N VAL A 29 17.29 8.67 21.10
CA VAL A 29 17.32 9.68 20.05
C VAL A 29 17.87 10.95 20.71
N THR A 30 18.70 11.67 19.97
CA THR A 30 19.20 12.94 20.43
C THR A 30 19.02 13.95 19.29
N THR A 31 19.51 15.16 19.55
CA THR A 31 19.48 16.25 18.60
C THR A 31 20.32 15.98 17.35
N SER A 32 21.35 15.15 17.45
CA SER A 32 22.18 14.87 16.30
C SER A 32 21.63 13.84 15.29
N ASN A 33 20.42 13.37 15.52
CA ASN A 33 19.65 12.49 14.69
C ASN A 33 18.75 13.34 13.80
N TYR A 34 18.67 14.65 14.01
CA TYR A 34 17.86 15.55 13.24
C TYR A 34 16.51 14.98 12.82
N ALA A 35 15.76 14.40 13.73
CA ALA A 35 14.52 13.76 13.45
C ALA A 35 13.64 14.52 12.48
N ASN A 36 13.16 13.81 11.45
CA ASN A 36 12.23 14.43 10.53
C ASN A 36 10.91 13.70 10.66
N TRP A 37 9.79 14.26 10.27
CA TRP A 37 8.51 13.67 10.27
C TRP A 37 7.93 13.98 8.86
N VAL A 38 7.57 12.91 8.13
CA VAL A 38 6.97 13.08 6.83
C VAL A 38 5.54 12.55 6.82
N GLN A 39 4.62 13.22 6.18
CA GLN A 39 3.26 12.77 6.08
C GLN A 39 2.96 12.16 4.68
N GLU A 40 2.20 11.09 4.67
CA GLU A 40 1.76 10.41 3.49
C GLU A 40 0.24 10.41 3.49
N LYS A 41 -0.28 11.09 2.50
CA LYS A 41 -1.67 11.24 2.21
C LYS A 41 -2.00 10.40 0.95
N PRO A 42 -3.28 10.02 0.91
CA PRO A 42 -3.84 9.21 -0.14
C PRO A 42 -3.45 9.75 -1.50
N ASP A 43 -2.94 8.78 -2.21
CA ASP A 43 -2.40 8.74 -3.53
C ASP A 43 -0.89 8.99 -3.46
N HIS A 44 -0.15 8.32 -2.56
CA HIS A 44 1.31 8.50 -2.49
C HIS A 44 1.81 9.94 -2.53
N LEU A 45 1.14 10.82 -1.83
CA LEU A 45 1.44 12.22 -1.74
C LEU A 45 2.17 12.52 -0.41
N PHE A 46 3.45 12.81 -0.51
CA PHE A 46 4.33 13.10 0.59
C PHE A 46 4.63 14.58 0.81
N THR A 47 4.64 14.99 2.06
CA THR A 47 4.89 16.30 2.58
C THR A 47 5.75 16.24 3.86
N GLY A 48 6.87 16.92 3.86
CA GLY A 48 7.78 16.99 5.00
C GLY A 48 7.19 17.94 6.05
N LEU A 49 6.95 17.52 7.28
CA LEU A 49 6.30 18.39 8.27
C LEU A 49 7.32 19.06 9.17
N ILE A 50 8.23 18.26 9.75
CA ILE A 50 9.19 18.72 10.66
C ILE A 50 10.58 18.24 10.34
N GLY A 51 11.63 19.00 10.46
CA GLY A 51 12.98 18.54 10.29
C GLY A 51 13.85 18.99 11.46
N ALA A 52 15.04 18.46 11.63
CA ALA A 52 15.93 18.81 12.72
C ALA A 52 15.19 18.81 14.06
N THR A 53 14.41 17.75 14.30
CA THR A 53 13.66 17.60 15.52
C THR A 53 12.47 18.47 15.78
N ASN A 54 12.62 19.81 15.66
CA ASN A 54 11.49 20.68 15.99
C ASN A 54 11.32 21.86 15.06
N ASN A 55 11.88 21.85 13.86
CA ASN A 55 11.69 22.93 12.92
C ASN A 55 10.59 22.56 11.91
N ARG A 56 9.49 23.22 11.97
CA ARG A 56 8.36 23.01 11.10
C ARG A 56 8.67 23.62 9.75
N ALA A 57 8.29 22.98 8.66
CA ALA A 57 8.49 23.53 7.33
C ALA A 57 7.53 24.70 7.12
N ALA A 58 7.66 25.45 6.04
CA ALA A 58 6.69 26.52 5.73
C ALA A 58 5.39 25.92 5.23
N GLY A 59 4.27 26.53 5.56
CA GLY A 59 2.95 26.06 5.16
C GLY A 59 2.40 25.03 6.11
N VAL A 60 3.16 24.25 6.85
CA VAL A 60 2.56 23.27 7.76
C VAL A 60 1.83 23.99 8.88
N PRO A 61 0.57 23.70 9.09
CA PRO A 61 -0.22 24.28 10.16
C PRO A 61 0.53 24.14 11.46
N VAL A 62 0.29 25.10 12.35
CA VAL A 62 0.92 25.29 13.62
C VAL A 62 0.61 24.23 14.66
N ARG A 63 -0.48 23.48 14.47
CA ARG A 63 -0.81 22.37 15.35
C ARG A 63 0.22 21.22 15.25
N PHE A 64 1.16 21.17 14.31
CA PHE A 64 2.15 20.10 14.31
C PHE A 64 3.38 20.55 15.08
N SER A 65 3.99 19.79 15.97
CA SER A 65 5.21 20.33 16.56
C SER A 65 6.12 19.17 16.84
N GLY A 66 7.42 19.38 17.05
CA GLY A 66 8.23 18.19 17.30
C GLY A 66 9.01 18.41 18.60
N SER A 67 9.54 17.37 19.20
CA SER A 67 10.29 17.41 20.42
C SER A 67 10.92 16.04 20.67
N LEU A 68 11.76 15.96 21.65
CA LEU A 68 12.43 14.79 22.10
C LEU A 68 11.81 14.51 23.47
N ILE A 69 11.35 13.26 23.64
CA ILE A 69 10.68 12.89 24.87
C ILE A 69 11.17 11.53 25.37
N GLY A 70 11.70 11.52 26.57
CA GLY A 70 12.20 10.26 27.11
C GLY A 70 13.15 9.56 26.17
N GLY A 71 14.12 10.17 25.53
CA GLY A 71 14.99 9.40 24.65
C GLY A 71 14.42 9.06 23.27
N LYS A 72 13.22 9.53 22.94
CA LYS A 72 12.55 9.32 21.70
C LYS A 72 12.19 10.59 20.92
N ALA A 73 12.04 10.54 19.57
CA ALA A 73 11.58 11.80 18.96
C ALA A 73 10.06 11.70 18.96
N ALA A 74 9.40 12.83 19.02
CA ALA A 74 7.98 12.88 19.05
C ALA A 74 7.36 13.96 18.22
N LEU A 75 6.23 13.64 17.67
CA LEU A 75 5.37 14.52 16.95
C LEU A 75 4.10 14.76 17.75
N THR A 76 3.70 15.99 17.99
CA THR A 76 2.47 16.30 18.66
C THR A 76 1.55 17.05 17.71
N ILE A 77 0.31 16.61 17.66
CA ILE A 77 -0.66 17.29 16.84
C ILE A 77 -1.67 17.83 17.87
N THR A 78 -1.58 19.12 18.15
CA THR A 78 -2.47 19.74 19.15
C THR A 78 -3.78 20.06 18.52
N GLY A 79 -4.92 19.40 18.75
CA GLY A 79 -6.12 19.86 18.01
C GLY A 79 -6.16 19.16 16.66
N ALA A 80 -6.00 17.83 16.67
CA ALA A 80 -6.00 17.02 15.43
C ALA A 80 -7.25 17.33 14.63
N GLN A 81 -7.11 17.41 13.32
CA GLN A 81 -8.27 17.69 12.47
C GLN A 81 -8.44 16.45 11.57
N THR A 82 -9.56 16.39 10.93
CA THR A 82 -10.09 15.38 10.06
C THR A 82 -9.19 15.12 8.88
N GLU A 83 -8.56 16.12 8.31
CA GLU A 83 -7.63 15.95 7.21
C GLU A 83 -6.26 15.48 7.74
N ASP A 84 -6.10 15.19 9.02
CA ASP A 84 -4.85 14.70 9.58
C ASP A 84 -4.75 13.18 9.60
N GLU A 85 -5.80 12.52 9.16
CA GLU A 85 -5.89 11.04 9.04
C GLU A 85 -4.91 10.63 7.93
N ALA A 86 -3.75 10.06 8.26
CA ALA A 86 -2.74 9.88 7.24
C ALA A 86 -1.68 8.98 7.81
N ILE A 87 -0.59 8.76 7.14
CA ILE A 87 0.48 7.93 7.66
C ILE A 87 1.63 8.94 7.90
N TYR A 88 2.27 8.82 9.05
CA TYR A 88 3.34 9.64 9.50
C TYR A 88 4.59 8.80 9.71
N PHE A 89 5.61 9.19 8.95
CA PHE A 89 6.81 8.45 9.01
C PHE A 89 7.86 9.29 9.74
N CYS A 90 8.70 8.52 10.41
CA CYS A 90 9.80 9.15 11.13
C CYS A 90 11.13 8.92 10.45
N ALA A 91 12.15 9.73 10.46
CA ALA A 91 13.43 9.43 9.83
C ALA A 91 14.52 10.06 10.72
N LEU A 92 15.50 9.31 11.05
CA LEU A 92 16.64 9.52 11.87
C LEU A 92 17.91 9.48 11.03
N TRP A 93 18.66 10.56 11.24
CA TRP A 93 19.92 10.76 10.55
C TRP A 93 21.01 10.07 11.32
N TYR A 94 21.77 9.21 10.71
CA TYR A 94 22.88 8.53 11.31
C TYR A 94 24.17 8.61 10.45
N SER A 95 24.95 9.67 10.71
CA SER A 95 26.21 9.82 9.99
C SER A 95 26.09 9.88 8.48
N GLY A 96 25.15 10.62 7.90
CA GLY A 96 25.10 10.63 6.41
C GLY A 96 24.02 9.67 5.92
N HIS A 97 23.46 8.78 6.73
CA HIS A 97 22.41 7.89 6.35
C HIS A 97 21.07 8.21 7.02
N TRP A 98 19.97 8.21 6.26
CA TRP A 98 18.66 8.43 6.84
C TRP A 98 18.09 7.02 7.14
N VAL A 99 17.43 6.85 8.27
CA VAL A 99 16.84 5.56 8.60
C VAL A 99 15.37 5.92 8.90
N PHE A 100 14.43 5.36 8.18
CA PHE A 100 13.03 5.63 8.36
C PHE A 100 12.32 4.53 9.20
N GLY A 101 11.32 4.95 9.99
CA GLY A 101 10.57 4.00 10.78
C GLY A 101 9.45 3.44 9.84
N GLY A 102 8.66 2.46 10.32
CA GLY A 102 7.61 1.84 9.60
C GLY A 102 6.34 2.67 9.43
N GLY A 103 6.26 3.88 10.07
CA GLY A 103 5.05 4.62 9.77
C GLY A 103 3.96 4.38 10.78
N THR A 104 3.15 5.40 11.11
CA THR A 104 2.08 5.24 12.05
C THR A 104 0.83 5.60 11.26
N LYS A 105 -0.19 4.78 11.33
CA LYS A 105 -1.44 5.08 10.68
C LYS A 105 -2.28 5.81 11.74
N LEU A 106 -2.55 7.06 11.35
CA LEU A 106 -3.32 7.84 12.26
C LEU A 106 -4.75 7.94 11.81
N THR A 107 -5.67 7.64 12.68
CA THR A 107 -7.07 7.82 12.34
C THR A 107 -7.64 9.00 13.16
N VAL A 108 -8.30 9.93 12.48
CA VAL A 108 -9.01 10.99 13.21
C VAL A 108 -10.48 10.78 12.85
N LEU A 109 -11.23 10.21 13.79
CA LEU A 109 -12.62 9.90 13.49
C LEU A 109 -13.42 10.97 12.81
N GLY A 110 -13.76 10.83 11.53
CA GLY A 110 -14.60 11.88 10.94
C GLY A 110 -16.01 11.33 10.77
N GLN A 111 -16.34 10.18 11.30
CA GLN A 111 -17.63 9.54 11.12
C GLN A 111 -17.74 8.43 12.16
N PRO A 112 -18.95 7.90 12.32
CA PRO A 112 -19.17 6.84 13.28
C PRO A 112 -18.41 5.56 12.91
N LYS A 113 -17.95 4.81 13.91
CA LYS A 113 -17.24 3.58 13.72
C LYS A 113 -18.22 2.65 12.97
N SER A 114 -17.69 1.90 12.01
CA SER A 114 -18.62 1.05 11.21
C SER A 114 -17.96 -0.31 11.02
N SER A 115 -18.76 -1.31 11.29
CA SER A 115 -18.35 -2.70 11.31
C SER A 115 -18.19 -3.30 9.93
N PRO A 116 -17.23 -4.16 9.71
CA PRO A 116 -17.00 -4.77 8.43
C PRO A 116 -18.16 -5.63 7.99
N SER A 117 -18.41 -5.54 6.69
CA SER A 117 -19.45 -6.44 6.11
C SER A 117 -18.49 -7.46 5.43
N VAL A 118 -18.67 -8.72 5.80
CA VAL A 118 -17.80 -9.80 5.37
C VAL A 118 -18.54 -10.77 4.51
N THR A 119 -17.90 -11.26 3.45
CA THR A 119 -18.52 -12.28 2.56
C THR A 119 -17.49 -13.36 2.28
N LEU A 120 -17.79 -14.64 2.45
CA LEU A 120 -16.79 -15.68 2.17
C LEU A 120 -17.26 -16.46 0.94
N PHE A 121 -16.39 -16.60 -0.05
CA PHE A 121 -16.79 -17.37 -1.26
C PHE A 121 -16.11 -18.72 -1.43
N PRO A 122 -16.83 -19.73 -1.85
CA PRO A 122 -16.25 -21.06 -2.12
C PRO A 122 -15.48 -20.99 -3.43
N PRO A 123 -14.52 -21.86 -3.68
CA PRO A 123 -13.75 -21.94 -4.91
C PRO A 123 -14.77 -22.25 -6.03
N SER A 124 -14.53 -21.79 -7.24
CA SER A 124 -15.50 -22.02 -8.31
C SER A 124 -15.23 -23.36 -8.98
N SER A 125 -16.19 -24.01 -9.64
CA SER A 125 -15.94 -25.27 -10.34
C SER A 125 -14.89 -25.12 -11.43
N GLU A 126 -14.82 -23.94 -12.12
CA GLU A 126 -13.79 -23.84 -13.12
C GLU A 126 -12.43 -23.87 -12.50
N GLU A 127 -12.24 -23.26 -11.32
CA GLU A 127 -10.85 -23.30 -10.82
C GLU A 127 -10.52 -24.72 -10.36
N LEU A 128 -11.51 -25.47 -9.88
CA LEU A 128 -11.26 -26.83 -9.37
C LEU A 128 -10.68 -27.74 -10.46
N GLU A 129 -11.03 -27.54 -11.74
CA GLU A 129 -10.41 -28.22 -12.85
C GLU A 129 -8.92 -28.02 -12.96
N THR A 130 -8.39 -26.88 -12.48
CA THR A 130 -6.93 -26.64 -12.57
C THR A 130 -6.26 -27.26 -11.36
N ASN A 131 -7.02 -27.94 -10.49
CA ASN A 131 -6.51 -28.55 -9.28
C ASN A 131 -6.09 -27.59 -8.16
N LYS A 132 -6.68 -26.39 -8.12
CA LYS A 132 -6.34 -25.40 -7.10
C LYS A 132 -7.64 -24.81 -6.58
N ALA A 133 -7.67 -24.39 -5.33
CA ALA A 133 -8.92 -23.86 -4.80
C ALA A 133 -8.63 -22.58 -4.03
N THR A 134 -9.23 -21.50 -4.49
CA THR A 134 -8.99 -20.23 -3.80
C THR A 134 -10.20 -19.85 -2.99
N LEU A 135 -10.09 -19.68 -1.69
CA LEU A 135 -11.29 -19.22 -0.92
C LEU A 135 -11.07 -17.70 -0.85
N VAL A 136 -12.10 -16.92 -1.07
CA VAL A 136 -11.99 -15.46 -0.99
C VAL A 136 -12.90 -14.88 0.09
N CYS A 137 -12.39 -14.08 0.98
CA CYS A 137 -13.09 -13.41 2.08
C CYS A 137 -12.93 -11.89 1.81
N THR A 138 -13.99 -11.22 1.49
CA THR A 138 -13.99 -9.82 1.14
C THR A 138 -14.60 -9.14 2.40
N ILE A 139 -13.97 -8.01 2.71
CA ILE A 139 -14.28 -7.25 3.89
C ILE A 139 -14.43 -5.81 3.50
N THR A 140 -15.61 -5.21 3.60
CA THR A 140 -15.73 -3.83 3.23
C THR A 140 -16.42 -3.02 4.34
N ASP A 141 -16.48 -1.72 4.06
CA ASP A 141 -17.19 -0.76 4.88
C ASP A 141 -16.77 -0.69 6.34
N PHE A 142 -15.48 -0.82 6.63
CA PHE A 142 -15.14 -0.73 8.05
C PHE A 142 -14.44 0.62 8.29
N TYR A 143 -14.52 1.12 9.50
CA TYR A 143 -13.95 2.38 9.99
C TYR A 143 -13.89 2.31 11.51
N PRO A 144 -12.75 2.54 12.12
CA PRO A 144 -11.52 2.84 11.41
C PRO A 144 -10.99 1.70 10.50
N GLY A 145 -10.00 2.02 9.68
CA GLY A 145 -9.31 1.22 8.76
C GLY A 145 -8.33 0.18 9.25
N VAL A 146 -8.55 -0.47 10.39
CA VAL A 146 -7.59 -1.51 10.81
C VAL A 146 -8.37 -2.77 11.16
N VAL A 147 -8.01 -3.90 10.57
CA VAL A 147 -8.72 -5.13 10.88
C VAL A 147 -7.65 -6.20 11.11
N THR A 148 -8.06 -7.36 11.53
CA THR A 148 -7.23 -8.52 11.76
C THR A 148 -8.08 -9.67 11.21
N VAL A 149 -7.45 -10.51 10.38
CA VAL A 149 -8.22 -11.63 9.81
C VAL A 149 -7.57 -12.95 10.19
N ASP A 150 -8.28 -13.97 10.64
CA ASP A 150 -7.73 -15.27 11.00
C ASP A 150 -8.56 -16.31 10.25
N TRP A 151 -7.94 -17.39 9.83
CA TRP A 151 -8.61 -18.44 9.09
C TRP A 151 -8.53 -19.74 9.87
N LYS A 152 -9.59 -20.51 9.69
CA LYS A 152 -9.63 -21.81 10.35
C LYS A 152 -10.17 -22.82 9.31
N VAL A 153 -9.63 -24.02 9.36
CA VAL A 153 -10.03 -25.11 8.54
C VAL A 153 -10.33 -26.28 9.53
N ASP A 154 -11.53 -26.78 9.59
CA ASP A 154 -11.88 -27.83 10.55
C ASP A 154 -11.50 -27.53 11.99
N GLY A 155 -11.62 -26.28 12.40
CA GLY A 155 -11.42 -25.73 13.72
C GLY A 155 -9.97 -25.47 14.06
N THR A 156 -9.06 -25.81 13.14
CA THR A 156 -7.66 -25.56 13.40
C THR A 156 -7.19 -24.27 12.76
N PRO A 157 -6.48 -23.46 13.51
CA PRO A 157 -5.90 -22.21 13.02
C PRO A 157 -5.00 -22.42 11.81
N VAL A 158 -5.15 -21.60 10.77
CA VAL A 158 -4.34 -21.76 9.55
C VAL A 158 -3.07 -20.95 9.61
N THR A 159 -1.90 -21.49 9.36
CA THR A 159 -0.66 -20.71 9.47
C THR A 159 0.10 -20.45 8.19
N GLN A 160 -0.42 -20.97 7.07
CA GLN A 160 0.27 -20.75 5.82
C GLN A 160 -0.72 -20.90 4.65
N GLY A 161 -0.47 -20.19 3.56
CA GLY A 161 -1.29 -20.23 2.37
C GLY A 161 -2.31 -19.09 2.33
N MET A 162 -2.18 -18.10 3.19
CA MET A 162 -3.11 -16.99 3.29
C MET A 162 -2.43 -15.65 2.99
N GLU A 163 -3.14 -14.72 2.40
CA GLU A 163 -2.61 -13.42 1.99
C GLU A 163 -3.82 -12.49 2.09
N THR A 164 -3.60 -11.42 2.80
CA THR A 164 -4.55 -10.38 3.05
C THR A 164 -3.98 -9.02 2.57
N THR A 165 -4.85 -8.30 1.87
CA THR A 165 -4.39 -6.99 1.42
C THR A 165 -4.50 -5.98 2.60
N ASN A 166 -3.73 -4.93 2.46
CA ASN A 166 -3.68 -3.81 3.35
C ASN A 166 -4.98 -3.03 3.02
N PRO A 167 -5.62 -2.59 4.08
CA PRO A 167 -6.85 -1.82 4.00
C PRO A 167 -6.72 -0.68 3.00
N SER A 168 -7.70 -0.49 2.12
CA SER A 168 -7.64 0.57 1.13
C SER A 168 -8.92 1.38 1.31
N LYS A 169 -8.78 2.67 1.11
CA LYS A 169 -9.88 3.60 1.36
C LYS A 169 -10.93 3.64 0.27
N GLN A 170 -12.18 3.47 0.64
CA GLN A 170 -13.33 3.48 -0.23
C GLN A 170 -13.78 4.91 -0.59
N SER A 171 -14.81 5.09 -1.38
CA SER A 171 -15.30 6.39 -1.81
C SER A 171 -16.13 7.05 -0.71
N ASN A 172 -16.76 6.26 0.14
CA ASN A 172 -17.45 6.80 1.30
C ASN A 172 -16.50 7.01 2.48
N ASN A 173 -15.20 6.91 2.36
CA ASN A 173 -14.16 7.07 3.35
C ASN A 173 -14.03 5.97 4.40
N LYS A 174 -14.78 4.89 4.15
CA LYS A 174 -14.56 3.69 4.97
C LYS A 174 -13.52 2.90 4.14
N TYR A 175 -13.05 1.80 4.72
CA TYR A 175 -12.02 0.98 4.15
C TYR A 175 -12.54 -0.39 3.69
N MET A 176 -11.66 -1.07 2.95
CA MET A 176 -11.99 -2.39 2.43
C MET A 176 -10.71 -3.23 2.35
N ALA A 177 -10.85 -4.54 2.47
CA ALA A 177 -9.68 -5.38 2.41
C ALA A 177 -10.18 -6.73 1.90
N SER A 178 -9.18 -7.49 1.46
CA SER A 178 -9.47 -8.81 0.94
C SER A 178 -8.56 -9.87 1.52
N SER A 179 -9.04 -11.08 1.73
CA SER A 179 -8.11 -12.12 2.23
C SER A 179 -8.29 -13.40 1.41
N TYR A 180 -7.27 -14.14 1.11
CA TYR A 180 -7.26 -15.34 0.31
C TYR A 180 -6.70 -16.57 1.00
N LEU A 181 -7.39 -17.73 0.82
CA LEU A 181 -6.84 -18.98 1.37
C LEU A 181 -6.60 -19.88 0.14
N THR A 182 -5.34 -20.19 -0.09
CA THR A 182 -4.98 -20.95 -1.26
C THR A 182 -4.65 -22.42 -0.96
N LEU A 183 -5.54 -23.29 -1.37
CA LEU A 183 -5.40 -24.73 -1.19
C LEU A 183 -5.19 -25.45 -2.52
N THR A 184 -4.90 -26.74 -2.43
CA THR A 184 -4.82 -27.59 -3.63
C THR A 184 -6.27 -28.07 -3.74
N ALA A 185 -6.75 -28.52 -4.88
CA ALA A 185 -8.12 -29.04 -4.91
C ALA A 185 -8.16 -30.32 -4.07
N ARG A 186 -7.12 -31.11 -3.83
CA ARG A 186 -7.26 -32.28 -2.98
C ARG A 186 -7.62 -31.90 -1.53
N ALA A 187 -6.81 -30.97 -1.00
CA ALA A 187 -6.97 -30.41 0.34
C ALA A 187 -8.37 -29.89 0.59
N TRP A 188 -8.88 -29.15 -0.41
CA TRP A 188 -10.20 -28.58 -0.28
C TRP A 188 -11.21 -29.70 -0.07
N GLU A 189 -11.02 -30.76 -0.87
CA GLU A 189 -11.93 -31.89 -0.81
C GLU A 189 -11.80 -32.66 0.50
N ARG A 190 -10.63 -32.70 1.10
CA ARG A 190 -10.41 -33.40 2.35
C ARG A 190 -10.81 -32.64 3.62
N HIS A 191 -11.26 -31.41 3.63
CA HIS A 191 -11.63 -30.68 4.84
C HIS A 191 -13.08 -30.33 4.72
N SER A 192 -13.81 -30.08 5.81
CA SER A 192 -15.21 -29.79 5.53
C SER A 192 -15.68 -28.43 5.99
N SER A 193 -14.92 -27.83 6.90
CA SER A 193 -15.38 -26.53 7.44
C SER A 193 -14.28 -25.50 7.26
N TYR A 194 -14.61 -24.32 6.75
CA TYR A 194 -13.67 -23.26 6.44
C TYR A 194 -14.18 -21.94 7.01
N SER A 195 -13.34 -21.26 7.76
CA SER A 195 -13.78 -20.01 8.38
C SER A 195 -12.86 -18.83 8.18
N CYS A 196 -13.56 -17.74 7.95
CA CYS A 196 -12.76 -16.50 7.80
C CYS A 196 -13.21 -15.66 9.02
N GLN A 197 -12.32 -15.26 9.86
CA GLN A 197 -12.74 -14.44 11.02
C GLN A 197 -12.10 -13.08 10.99
N VAL A 198 -12.91 -12.03 11.10
CA VAL A 198 -12.43 -10.66 11.05
C VAL A 198 -12.66 -9.93 12.37
N THR A 199 -11.58 -9.46 12.93
CA THR A 199 -11.53 -8.74 14.20
C THR A 199 -11.39 -7.26 13.89
N HIS A 200 -12.38 -6.48 14.30
CA HIS A 200 -12.42 -5.05 14.11
C HIS A 200 -12.88 -4.40 15.43
N GLU A 201 -12.09 -3.46 15.97
CA GLU A 201 -12.43 -2.77 17.21
C GLU A 201 -12.88 -3.68 18.32
N GLY A 202 -12.23 -4.80 18.56
CA GLY A 202 -12.58 -5.77 19.60
C GLY A 202 -13.73 -6.67 19.32
N HIS A 203 -14.38 -6.58 18.16
CA HIS A 203 -15.48 -7.47 17.83
C HIS A 203 -15.05 -8.39 16.67
N THR A 204 -15.46 -9.64 16.72
CA THR A 204 -15.13 -10.59 15.68
C THR A 204 -16.35 -10.95 14.84
N VAL A 205 -16.21 -10.76 13.54
CA VAL A 205 -17.35 -11.13 12.67
C VAL A 205 -16.89 -12.39 11.96
N GLU A 206 -17.59 -13.51 11.98
CA GLU A 206 -17.08 -14.71 11.34
C GLU A 206 -18.02 -15.27 10.27
N LYS A 207 -17.41 -15.64 9.14
CA LYS A 207 -18.18 -16.21 8.03
C LYS A 207 -17.57 -17.58 7.79
N SER A 208 -18.50 -18.49 7.54
CA SER A 208 -18.02 -19.85 7.39
C SER A 208 -18.78 -20.62 6.35
N LEU A 209 -18.07 -21.67 5.96
CA LEU A 209 -18.75 -22.55 5.00
C LEU A 209 -18.29 -23.98 5.24
N SER A 210 -19.22 -24.86 4.95
CA SER A 210 -18.96 -26.30 4.99
C SER A 210 -19.06 -26.69 3.50
N GLU B 1 5.85 27.98 -7.41
CA GLU B 1 5.76 26.85 -6.47
C GLU B 1 6.85 25.83 -6.83
N VAL B 2 7.32 25.12 -5.82
CA VAL B 2 8.37 24.12 -6.01
C VAL B 2 7.78 22.88 -6.67
N GLN B 3 8.52 22.44 -7.69
CA GLN B 3 7.96 21.21 -8.37
C GLN B 3 9.11 20.28 -8.74
N LEU B 4 8.95 19.00 -8.36
CA LEU B 4 9.92 17.91 -8.53
C LEU B 4 9.25 16.80 -9.37
N GLU B 5 9.80 16.39 -10.52
CA GLU B 5 9.09 15.40 -11.33
C GLU B 5 10.10 14.35 -11.78
N GLU B 6 9.79 13.16 -11.24
CA GLU B 6 10.68 12.04 -11.48
C GLU B 6 10.23 11.29 -12.73
N SER B 7 11.21 10.69 -13.42
CA SER B 7 10.68 9.83 -14.51
C SER B 7 11.75 8.83 -14.86
N GLY B 8 11.40 7.96 -15.80
CA GLY B 8 12.35 6.96 -16.30
C GLY B 8 12.03 5.57 -15.71
N GLY B 9 10.99 5.37 -14.92
CA GLY B 9 10.91 3.97 -14.45
C GLY B 9 10.11 3.16 -15.47
N GLY B 10 9.98 1.87 -15.17
CA GLY B 10 9.13 0.97 -15.96
C GLY B 10 9.46 -0.48 -15.54
N LEU B 11 9.35 -1.36 -16.52
CA LEU B 11 9.57 -2.79 -16.30
C LEU B 11 10.95 -3.09 -16.79
N VAL B 12 11.76 -3.77 -16.01
CA VAL B 12 13.12 -4.18 -16.27
C VAL B 12 13.34 -5.59 -15.78
N THR B 13 14.39 -6.30 -16.12
CA THR B 13 14.60 -7.64 -15.63
C THR B 13 15.78 -7.70 -14.71
N PRO B 14 15.76 -8.64 -13.80
CA PRO B 14 16.82 -8.75 -12.80
C PRO B 14 18.15 -8.76 -13.49
N GLY B 15 19.12 -8.05 -12.91
CA GLY B 15 20.42 -8.03 -13.59
C GLY B 15 20.49 -6.77 -14.50
N GLY B 16 19.35 -6.14 -14.79
CA GLY B 16 19.43 -4.95 -15.70
C GLY B 16 19.82 -3.61 -15.08
N SER B 17 20.00 -2.57 -15.92
CA SER B 17 20.38 -1.22 -15.63
C SER B 17 19.30 -0.21 -15.98
N LEU B 18 19.29 0.95 -15.32
CA LEU B 18 18.26 1.94 -15.68
C LEU B 18 18.70 3.25 -15.06
N ARG B 19 18.29 4.38 -15.59
CA ARG B 19 18.65 5.66 -14.98
C ARG B 19 17.37 6.46 -14.71
N LEU B 20 17.15 6.96 -13.48
CA LEU B 20 15.93 7.72 -13.26
C LEU B 20 16.37 9.20 -13.27
N SER B 21 15.44 10.08 -13.54
CA SER B 21 15.59 11.48 -13.56
C SER B 21 14.66 12.22 -12.59
N CYS B 22 15.17 13.32 -12.06
CA CYS B 22 14.28 14.09 -11.15
C CYS B 22 14.51 15.57 -11.59
N ALA B 23 13.45 16.03 -12.22
CA ALA B 23 13.49 17.38 -12.81
C ALA B 23 12.93 18.41 -11.83
N ALA B 24 13.76 19.36 -11.46
CA ALA B 24 13.30 20.39 -10.52
C ALA B 24 12.94 21.72 -11.17
N SER B 25 11.99 22.38 -10.53
CA SER B 25 11.71 23.72 -11.00
C SER B 25 11.07 24.56 -9.89
N GLY B 26 11.28 25.87 -10.07
CA GLY B 26 10.63 26.83 -9.16
C GLY B 26 11.51 27.20 -8.00
N TYR B 27 12.78 26.94 -8.00
CA TYR B 27 13.62 27.35 -6.87
C TYR B 27 15.05 27.18 -7.36
N VAL B 28 16.07 27.62 -6.63
CA VAL B 28 17.41 27.46 -7.20
C VAL B 28 17.96 26.09 -6.82
N PHE B 29 17.79 25.20 -7.78
CA PHE B 29 18.16 23.80 -7.58
C PHE B 29 19.54 23.58 -7.01
N SER B 30 20.57 24.31 -7.45
CA SER B 30 21.92 24.07 -7.03
C SER B 30 22.22 24.33 -5.58
N THR B 31 21.46 25.20 -4.90
CA THR B 31 21.74 25.47 -3.52
C THR B 31 21.45 24.30 -2.58
N TYR B 32 20.47 23.42 -2.85
CA TYR B 32 20.21 22.37 -1.86
C TYR B 32 20.64 20.94 -2.14
N ASP B 33 20.96 20.31 -1.01
CA ASP B 33 21.25 18.87 -0.99
C ASP B 33 19.95 18.11 -1.34
N MET B 34 20.09 16.94 -1.96
CA MET B 34 18.99 16.11 -2.31
C MET B 34 19.11 14.60 -1.99
N SER B 35 17.92 13.99 -1.91
CA SER B 35 17.96 12.54 -1.68
C SER B 35 16.96 11.81 -2.60
N TRP B 36 17.28 10.55 -2.80
CA TRP B 36 16.24 9.72 -3.48
C TRP B 36 15.73 8.84 -2.34
N VAL B 37 14.47 8.52 -2.27
CA VAL B 37 13.94 7.64 -1.25
C VAL B 37 13.03 6.67 -1.95
N ARG B 38 12.88 5.40 -1.53
CA ARG B 38 11.83 4.67 -2.26
C ARG B 38 10.74 4.14 -1.30
N GLN B 39 9.58 3.80 -1.84
CA GLN B 39 8.49 3.23 -1.14
C GLN B 39 8.25 1.81 -1.79
N THR B 40 8.40 0.77 -0.97
CA THR B 40 8.21 -0.60 -1.39
C THR B 40 6.75 -0.94 -1.43
N PRO B 41 6.37 -1.99 -2.17
CA PRO B 41 5.02 -2.51 -2.28
C PRO B 41 4.46 -2.81 -0.89
N GLU B 42 5.27 -3.31 0.05
CA GLU B 42 4.83 -3.50 1.44
C GLU B 42 4.55 -2.14 2.10
N LYS B 43 4.85 -1.00 1.47
CA LYS B 43 4.54 0.30 1.94
C LYS B 43 5.55 0.87 2.91
N ARG B 44 6.76 0.34 2.91
CA ARG B 44 7.82 0.88 3.72
C ARG B 44 8.65 1.89 2.92
N LEU B 45 9.21 2.89 3.58
CA LEU B 45 10.07 3.87 2.99
C LEU B 45 11.51 3.54 3.25
N GLU B 46 12.36 3.61 2.23
CA GLU B 46 13.77 3.36 2.39
C GLU B 46 14.57 4.50 1.71
N TRP B 47 15.51 5.06 2.42
CA TRP B 47 16.34 6.13 1.86
C TRP B 47 17.31 5.35 0.95
N VAL B 48 17.76 5.88 -0.16
CA VAL B 48 18.56 5.04 -1.08
C VAL B 48 19.75 5.79 -1.58
N ALA B 49 19.71 7.14 -1.47
CA ALA B 49 20.88 7.93 -1.88
C ALA B 49 20.80 9.39 -1.56
N PHE B 50 21.99 9.99 -1.42
CA PHE B 50 22.06 11.40 -1.03
C PHE B 50 23.17 12.07 -1.74
N ILE B 51 22.91 13.34 -2.12
CA ILE B 51 24.04 14.08 -2.75
C ILE B 51 24.01 15.51 -2.21
N SER B 52 25.17 16.10 -1.94
CA SER B 52 25.15 17.48 -1.40
C SER B 52 25.18 18.57 -2.45
N SER B 53 24.93 19.78 -1.97
CA SER B 53 25.09 20.95 -2.84
C SER B 53 26.52 20.93 -3.36
N GLY B 54 26.82 21.22 -4.62
CA GLY B 54 28.22 21.09 -5.05
C GLY B 54 28.52 19.68 -5.49
N GLY B 55 27.72 18.63 -5.16
CA GLY B 55 27.98 17.28 -5.60
C GLY B 55 29.25 16.66 -5.07
N GLY B 56 29.90 17.12 -4.01
CA GLY B 56 31.15 16.57 -3.53
C GLY B 56 31.01 15.43 -2.56
N ARG B 57 29.86 15.32 -1.90
CA ARG B 57 29.64 14.22 -0.95
C ARG B 57 28.45 13.40 -1.42
N THR B 58 28.50 12.11 -1.43
CA THR B 58 27.33 11.29 -1.80
C THR B 58 27.26 10.17 -0.75
N SER B 59 26.14 9.57 -0.41
CA SER B 59 26.22 8.47 0.55
C SER B 59 25.03 7.56 0.28
N TYR B 60 25.19 6.29 0.64
CA TYR B 60 24.16 5.30 0.31
C TYR B 60 24.06 4.24 1.40
N PRO B 61 22.90 3.66 1.54
CA PRO B 61 22.72 2.56 2.48
C PRO B 61 23.55 1.40 1.95
N ASP B 62 23.88 0.36 2.70
CA ASP B 62 24.69 -0.75 2.24
C ASP B 62 23.96 -1.61 1.22
N THR B 63 22.65 -1.69 1.25
CA THR B 63 21.91 -2.47 0.28
C THR B 63 22.09 -1.96 -1.15
N VAL B 64 22.60 -0.76 -1.46
CA VAL B 64 22.68 -0.35 -2.85
C VAL B 64 24.07 0.21 -3.13
N LYS B 65 24.90 0.28 -2.06
CA LYS B 65 26.21 0.84 -2.31
C LYS B 65 26.87 -0.10 -3.37
N GLY B 66 27.57 0.47 -4.33
CA GLY B 66 28.21 -0.24 -5.39
C GLY B 66 27.30 -0.50 -6.57
N ARG B 67 26.01 -0.40 -6.48
CA ARG B 67 25.07 -0.63 -7.57
C ARG B 67 24.43 0.69 -8.02
N PHE B 68 24.05 1.55 -7.03
CA PHE B 68 23.40 2.80 -7.46
C PHE B 68 24.41 3.94 -7.40
N THR B 69 24.27 4.92 -8.29
CA THR B 69 25.16 6.09 -8.28
C THR B 69 24.23 7.29 -8.38
N ILE B 70 24.27 8.23 -7.42
CA ILE B 70 23.39 9.42 -7.58
C ILE B 70 24.22 10.51 -8.22
N SER B 71 23.68 11.34 -9.09
CA SER B 71 24.47 12.49 -9.56
C SER B 71 23.53 13.65 -9.83
N ARG B 72 24.11 14.83 -10.11
CA ARG B 72 23.23 15.99 -10.39
C ARG B 72 23.81 16.92 -11.50
N ASP B 73 22.98 17.52 -12.31
CA ASP B 73 23.38 18.44 -13.34
C ASP B 73 22.66 19.75 -13.09
N ASP B 74 23.38 20.64 -12.42
CA ASP B 74 22.84 21.92 -11.92
C ASP B 74 22.43 22.80 -13.09
N ALA B 75 23.13 22.66 -14.23
CA ALA B 75 22.77 23.41 -15.43
C ALA B 75 21.36 22.99 -15.86
N LYS B 76 21.00 21.72 -15.60
CA LYS B 76 19.64 21.42 -16.05
C LYS B 76 18.61 21.28 -14.95
N ASN B 77 18.99 21.58 -13.71
CA ASN B 77 18.02 21.38 -12.61
C ASN B 77 17.55 19.94 -12.52
N THR B 78 18.45 18.98 -12.82
CA THR B 78 18.00 17.62 -12.74
C THR B 78 18.92 16.72 -11.95
N LEU B 79 18.23 15.91 -11.14
CA LEU B 79 18.90 14.92 -10.30
C LEU B 79 18.78 13.52 -10.91
N TYR B 80 19.83 12.75 -11.00
CA TYR B 80 19.84 11.41 -11.58
C TYR B 80 20.18 10.34 -10.53
N LEU B 81 19.60 9.15 -10.78
CA LEU B 81 19.93 7.95 -10.02
C LEU B 81 20.24 6.86 -11.06
N GLN B 82 21.51 6.53 -11.23
CA GLN B 82 21.93 5.47 -12.17
C GLN B 82 21.88 4.10 -11.39
N MET B 83 21.12 3.14 -11.82
CA MET B 83 20.91 1.87 -11.17
C MET B 83 21.39 0.66 -11.99
N SER B 84 22.29 -0.12 -11.44
CA SER B 84 22.75 -1.29 -12.15
C SER B 84 22.59 -2.53 -11.26
N SER B 85 22.70 -3.74 -11.83
CA SER B 85 22.47 -5.02 -11.19
C SER B 85 21.13 -5.05 -10.48
N LEU B 86 20.06 -4.60 -11.12
CA LEU B 86 18.79 -4.53 -10.48
C LEU B 86 18.32 -5.90 -10.02
N GLN B 87 17.66 -5.99 -8.88
CA GLN B 87 17.14 -7.17 -8.25
C GLN B 87 15.69 -6.90 -7.92
N SER B 88 14.93 -7.95 -7.68
CA SER B 88 13.51 -7.76 -7.45
C SER B 88 13.26 -7.00 -6.17
N GLU B 89 14.18 -7.02 -5.23
CA GLU B 89 14.03 -6.19 -4.03
C GLU B 89 14.11 -4.69 -4.40
N ASP B 90 14.52 -4.24 -5.56
CA ASP B 90 14.50 -2.83 -5.95
C ASP B 90 13.13 -2.46 -6.42
N THR B 91 12.11 -3.36 -6.53
CA THR B 91 10.81 -2.97 -7.00
C THR B 91 10.16 -2.02 -6.03
N ALA B 92 9.90 -0.79 -6.53
CA ALA B 92 9.37 0.24 -5.58
C ALA B 92 8.99 1.48 -6.43
N MET B 93 8.33 2.41 -5.74
CA MET B 93 8.08 3.72 -6.32
C MET B 93 9.23 4.60 -5.87
N TYR B 94 9.95 5.25 -6.74
CA TYR B 94 11.10 6.11 -6.38
C TYR B 94 10.71 7.60 -6.42
N TYR B 95 11.21 8.29 -5.37
CA TYR B 95 10.91 9.70 -5.18
C TYR B 95 12.15 10.53 -4.90
N CYS B 96 12.27 11.72 -5.50
CA CYS B 96 13.37 12.60 -5.09
C CYS B 96 12.77 13.63 -4.11
N THR B 97 13.55 14.12 -3.17
CA THR B 97 13.16 15.09 -2.17
C THR B 97 14.37 16.07 -2.01
N ARG B 98 14.05 17.31 -1.65
CA ARG B 98 15.10 18.27 -1.36
C ARG B 98 15.25 18.50 0.17
N HIS B 99 16.52 18.69 0.54
CA HIS B 99 16.81 19.02 1.94
C HIS B 99 16.73 20.57 2.06
N PHE B 100 15.66 21.09 2.59
CA PHE B 100 15.52 22.55 2.75
C PHE B 100 15.90 22.86 4.21
N TYR B 101 17.19 23.05 4.45
CA TYR B 101 17.70 23.31 5.80
C TYR B 101 17.26 22.18 6.75
N ALA B 102 17.71 20.97 6.46
CA ALA B 102 17.40 19.82 7.28
C ALA B 102 15.92 19.46 7.35
N VAL B 103 15.05 20.07 6.58
CA VAL B 103 13.68 19.62 6.49
C VAL B 103 13.53 19.01 5.05
N LEU B 104 13.02 17.78 5.00
CA LEU B 104 12.72 17.08 3.74
C LEU B 104 11.32 17.56 3.41
N ASP B 105 11.28 18.76 2.82
CA ASP B 105 9.99 19.37 2.58
C ASP B 105 9.27 19.05 1.31
N TYR B 106 9.83 19.22 0.14
CA TYR B 106 9.07 18.94 -1.09
C TYR B 106 9.46 17.56 -1.65
N TRP B 107 8.48 16.84 -2.13
CA TRP B 107 8.72 15.51 -2.67
C TRP B 107 8.05 15.44 -4.05
N GLY B 108 8.67 14.77 -4.99
CA GLY B 108 8.09 14.66 -6.33
C GLY B 108 6.93 13.68 -6.21
N ARG B 109 6.23 13.48 -7.27
CA ARG B 109 5.12 12.58 -7.51
C ARG B 109 5.61 11.13 -7.57
N GLY B 110 6.84 10.83 -7.87
CA GLY B 110 7.37 9.48 -7.88
C GLY B 110 7.34 8.70 -9.19
N THR B 111 8.23 7.70 -9.36
CA THR B 111 8.17 7.01 -10.67
C THR B 111 8.23 5.49 -10.41
N THR B 112 7.42 4.67 -11.01
CA THR B 112 7.38 3.25 -10.70
C THR B 112 8.43 2.35 -11.34
N LEU B 113 9.15 1.60 -10.54
CA LEU B 113 10.13 0.64 -10.99
C LEU B 113 9.67 -0.79 -10.61
N THR B 114 9.55 -1.70 -11.57
CA THR B 114 9.21 -3.10 -11.37
C THR B 114 10.32 -3.96 -11.99
N VAL B 115 11.06 -4.63 -11.13
CA VAL B 115 12.12 -5.52 -11.42
C VAL B 115 11.60 -6.98 -11.29
N SER B 116 11.42 -7.68 -12.40
CA SER B 116 10.84 -9.04 -12.42
C SER B 116 11.21 -9.78 -13.72
N SER B 117 11.33 -11.07 -13.58
CA SER B 117 11.59 -11.97 -14.69
C SER B 117 10.27 -12.49 -15.28
N ALA B 118 9.15 -12.26 -14.63
CA ALA B 118 7.90 -12.76 -15.16
C ALA B 118 7.71 -12.41 -16.61
N LYS B 119 6.97 -13.26 -17.35
CA LYS B 119 6.70 -12.82 -18.73
C LYS B 119 5.29 -12.22 -18.74
N THR B 120 4.87 -11.55 -19.76
CA THR B 120 3.52 -11.03 -19.84
C THR B 120 2.53 -12.17 -19.91
N THR B 121 1.56 -12.16 -18.98
CA THR B 121 0.60 -13.23 -18.93
C THR B 121 -0.81 -12.77 -18.62
N PRO B 122 -1.78 -13.14 -19.46
CA PRO B 122 -3.16 -12.73 -19.26
C PRO B 122 -3.69 -13.42 -18.03
N PRO B 123 -4.73 -12.92 -17.39
CA PRO B 123 -5.25 -13.55 -16.19
C PRO B 123 -6.26 -14.63 -16.51
N SER B 124 -6.55 -15.52 -15.59
CA SER B 124 -7.67 -16.48 -15.80
C SER B 124 -8.74 -15.83 -14.89
N VAL B 125 -9.99 -15.87 -15.18
CA VAL B 125 -11.07 -15.26 -14.52
C VAL B 125 -12.04 -16.30 -14.03
N TYR B 126 -12.32 -16.29 -12.73
CA TYR B 126 -13.19 -17.26 -12.12
C TYR B 126 -14.30 -16.51 -11.43
N PRO B 127 -15.46 -17.12 -11.51
CA PRO B 127 -16.65 -16.51 -10.97
C PRO B 127 -16.78 -16.73 -9.49
N LEU B 128 -17.20 -15.73 -8.73
CA LEU B 128 -17.38 -15.95 -7.29
C LEU B 128 -18.90 -15.85 -7.06
N ALA B 129 -19.55 -16.96 -6.87
CA ALA B 129 -20.99 -16.99 -6.64
C ALA B 129 -21.21 -17.35 -5.16
N PRO B 130 -22.36 -16.95 -4.65
CA PRO B 130 -22.70 -17.22 -3.25
C PRO B 130 -22.76 -18.71 -2.98
N GLY B 131 -23.30 -19.49 -3.91
CA GLY B 131 -23.34 -20.94 -3.67
C GLY B 131 -24.29 -21.24 -2.50
N SER B 132 -23.73 -21.48 -1.30
CA SER B 132 -24.59 -21.75 -0.16
C SER B 132 -25.82 -20.84 -0.17
N ALA B 133 -26.97 -21.39 -0.56
CA ALA B 133 -28.22 -20.63 -0.65
C ALA B 133 -28.68 -19.96 0.63
N ALA B 134 -28.24 -20.34 1.83
CA ALA B 134 -28.64 -19.66 3.06
C ALA B 134 -27.92 -18.31 3.15
N GLN B 135 -28.35 -17.41 2.27
CA GLN B 135 -27.93 -16.07 2.06
C GLN B 135 -28.06 -15.26 3.35
N THR B 136 -27.93 -13.94 3.16
CA THR B 136 -28.11 -13.09 4.34
C THR B 136 -29.50 -12.48 4.23
N ASN B 137 -29.79 -11.73 3.17
CA ASN B 137 -31.09 -11.08 3.03
C ASN B 137 -31.61 -10.78 1.63
N SER B 138 -31.81 -9.52 1.29
CA SER B 138 -32.33 -8.98 0.05
C SER B 138 -31.32 -8.43 -0.97
N MET B 139 -30.05 -8.41 -0.62
CA MET B 139 -28.94 -8.01 -1.44
C MET B 139 -28.05 -9.27 -1.56
N VAL B 140 -27.50 -9.49 -2.75
CA VAL B 140 -26.59 -10.60 -2.93
C VAL B 140 -25.28 -10.06 -3.44
N THR B 141 -24.19 -10.62 -2.98
CA THR B 141 -22.87 -10.17 -3.42
C THR B 141 -22.17 -11.27 -4.21
N LEU B 142 -21.72 -10.88 -5.38
CA LEU B 142 -21.06 -11.68 -6.40
C LEU B 142 -19.64 -11.19 -6.65
N GLY B 143 -18.84 -11.96 -7.39
CA GLY B 143 -17.50 -11.41 -7.58
C GLY B 143 -16.81 -12.10 -8.75
N CYS B 144 -15.61 -11.63 -9.02
CA CYS B 144 -14.75 -12.17 -9.99
C CYS B 144 -13.39 -12.29 -9.36
N LEU B 145 -12.80 -13.45 -9.57
CA LEU B 145 -11.46 -13.72 -9.10
C LEU B 145 -10.64 -13.69 -10.40
N VAL B 146 -9.70 -12.78 -10.48
CA VAL B 146 -8.79 -12.47 -11.55
C VAL B 146 -7.42 -12.91 -11.10
N LYS B 147 -7.04 -14.10 -11.61
CA LYS B 147 -5.79 -14.70 -11.18
C LYS B 147 -4.73 -14.93 -12.21
N GLY B 148 -3.48 -14.81 -11.75
CA GLY B 148 -2.25 -15.01 -12.43
C GLY B 148 -1.87 -14.09 -13.56
N TYR B 149 -1.91 -12.77 -13.40
CA TYR B 149 -1.51 -11.95 -14.54
C TYR B 149 -0.24 -11.20 -14.21
N PHE B 150 0.30 -10.63 -15.31
CA PHE B 150 1.55 -9.90 -15.13
C PHE B 150 1.75 -9.19 -16.46
N PRO B 151 2.04 -7.91 -16.47
CA PRO B 151 2.20 -7.07 -15.26
C PRO B 151 0.92 -6.31 -14.92
N GLU B 152 0.86 -5.40 -13.95
CA GLU B 152 -0.33 -4.61 -13.66
C GLU B 152 -0.41 -3.51 -14.74
N PRO B 153 -1.55 -2.89 -14.95
CA PRO B 153 -2.74 -3.26 -14.21
C PRO B 153 -3.74 -4.10 -14.97
N VAL B 154 -4.93 -4.31 -14.38
CA VAL B 154 -6.07 -4.88 -14.98
C VAL B 154 -7.20 -3.91 -14.63
N THR B 155 -8.18 -3.85 -15.53
CA THR B 155 -9.33 -3.05 -15.18
C THR B 155 -10.49 -4.02 -15.22
N VAL B 156 -11.42 -3.88 -14.29
CA VAL B 156 -12.61 -4.63 -14.16
C VAL B 156 -13.87 -3.78 -14.29
N THR B 157 -14.90 -4.11 -15.05
CA THR B 157 -16.15 -3.36 -15.06
C THR B 157 -17.25 -4.40 -14.88
N TRP B 158 -18.43 -4.03 -14.52
CA TRP B 158 -19.54 -4.95 -14.39
C TRP B 158 -20.60 -4.50 -15.41
N ASN B 159 -21.10 -5.48 -16.16
CA ASN B 159 -22.05 -5.42 -17.24
C ASN B 159 -21.68 -4.25 -18.14
N SER B 160 -20.44 -4.22 -18.56
CA SER B 160 -19.82 -3.21 -19.40
C SER B 160 -20.10 -1.81 -18.88
N GLY B 161 -19.97 -1.49 -17.61
CA GLY B 161 -20.20 -0.18 -17.07
C GLY B 161 -21.63 0.10 -16.69
N SER B 162 -22.60 -0.76 -16.97
CA SER B 162 -23.98 -0.52 -16.62
C SER B 162 -24.22 -0.55 -15.10
N LEU B 163 -23.44 -1.42 -14.48
CA LEU B 163 -23.50 -1.66 -13.06
C LEU B 163 -22.31 -0.97 -12.42
N SER B 164 -22.52 0.12 -11.69
CA SER B 164 -21.36 0.79 -11.10
C SER B 164 -21.59 1.06 -9.62
N SER B 165 -22.78 0.97 -9.04
CA SER B 165 -22.87 1.26 -7.63
C SER B 165 -22.64 -0.05 -6.87
N GLY B 166 -21.86 0.07 -5.79
CA GLY B 166 -21.61 -1.09 -4.96
C GLY B 166 -20.50 -1.98 -5.48
N VAL B 167 -19.63 -1.49 -6.34
CA VAL B 167 -18.58 -2.37 -6.85
C VAL B 167 -17.35 -2.18 -5.97
N HIS B 168 -16.66 -3.26 -5.60
CA HIS B 168 -15.43 -3.01 -4.87
C HIS B 168 -14.34 -3.81 -5.61
N THR B 169 -13.29 -3.16 -5.99
CA THR B 169 -12.18 -3.78 -6.67
C THR B 169 -10.97 -3.58 -5.78
N PHE B 170 -10.49 -4.67 -5.27
CA PHE B 170 -9.46 -4.76 -4.30
C PHE B 170 -8.09 -4.65 -4.89
N PRO B 171 -7.13 -4.15 -4.10
CA PRO B 171 -5.76 -4.05 -4.56
C PRO B 171 -5.26 -5.48 -4.83
N ALA B 172 -4.32 -5.62 -5.73
CA ALA B 172 -3.75 -6.89 -6.05
C ALA B 172 -2.79 -7.46 -5.04
N VAL B 173 -2.60 -8.78 -5.15
CA VAL B 173 -1.56 -9.42 -4.34
C VAL B 173 -0.62 -10.15 -5.32
N LEU B 174 0.58 -10.36 -4.88
CA LEU B 174 1.60 -11.03 -5.65
C LEU B 174 1.75 -12.44 -5.17
N GLN B 175 1.31 -13.44 -5.93
CA GLN B 175 1.47 -14.82 -5.50
C GLN B 175 2.34 -15.50 -6.55
N SER B 176 3.52 -15.95 -6.25
CA SER B 176 4.33 -16.68 -7.22
C SER B 176 4.67 -15.84 -8.44
N ASP B 177 5.15 -14.61 -8.28
CA ASP B 177 5.53 -13.78 -9.43
C ASP B 177 4.36 -13.29 -10.28
N LEU B 178 3.13 -13.62 -9.91
CA LEU B 178 2.01 -13.12 -10.74
C LEU B 178 1.04 -12.46 -9.75
N TYR B 179 0.22 -11.59 -10.28
CA TYR B 179 -0.72 -10.86 -9.49
C TYR B 179 -2.07 -11.55 -9.52
N THR B 180 -2.81 -11.33 -8.45
CA THR B 180 -4.15 -11.79 -8.30
C THR B 180 -4.95 -10.65 -7.68
N LEU B 181 -6.19 -10.56 -8.14
CA LEU B 181 -7.04 -9.53 -7.47
C LEU B 181 -8.48 -9.97 -7.58
N SER B 182 -9.42 -9.37 -6.94
CA SER B 182 -10.81 -9.68 -6.95
C SER B 182 -11.66 -8.44 -7.09
N SER B 183 -12.89 -8.55 -7.48
CA SER B 183 -13.77 -7.40 -7.57
C SER B 183 -15.14 -7.90 -7.18
N SER B 184 -16.01 -7.19 -6.56
CA SER B 184 -17.31 -7.70 -6.20
C SER B 184 -18.35 -6.60 -6.37
N VAL B 185 -19.59 -6.97 -6.45
CA VAL B 185 -20.68 -6.02 -6.62
C VAL B 185 -21.83 -6.64 -5.83
N THR B 186 -22.59 -5.79 -5.17
CA THR B 186 -23.75 -6.17 -4.41
C THR B 186 -24.95 -5.71 -5.22
N VAL B 187 -25.89 -6.56 -5.47
CA VAL B 187 -27.06 -6.23 -6.27
C VAL B 187 -28.31 -6.69 -5.50
N PRO B 188 -29.43 -6.05 -5.81
CA PRO B 188 -30.71 -6.37 -5.23
C PRO B 188 -31.01 -7.82 -5.53
N SER B 189 -31.57 -8.58 -4.61
CA SER B 189 -31.88 -9.99 -4.85
C SER B 189 -32.91 -10.24 -5.92
N SER B 190 -33.70 -9.23 -6.29
CA SER B 190 -34.66 -9.42 -7.36
C SER B 190 -33.95 -9.46 -8.71
N THR B 191 -32.74 -8.95 -8.82
CA THR B 191 -31.93 -8.86 -10.01
C THR B 191 -31.32 -10.17 -10.49
N TRP B 192 -30.63 -10.84 -9.60
CA TRP B 192 -29.87 -12.04 -9.91
C TRP B 192 -30.34 -13.17 -9.02
N PRO B 193 -30.45 -14.35 -9.58
CA PRO B 193 -30.12 -14.64 -10.97
C PRO B 193 -31.08 -14.46 -12.11
N SER B 194 -32.23 -13.84 -11.94
CA SER B 194 -33.13 -13.58 -13.07
C SER B 194 -32.40 -12.84 -14.19
N GLU B 195 -31.64 -11.79 -13.85
CA GLU B 195 -30.92 -11.08 -14.93
C GLU B 195 -29.46 -11.49 -14.84
N THR B 196 -28.75 -11.28 -15.94
CA THR B 196 -27.37 -11.64 -16.11
C THR B 196 -26.40 -10.63 -15.53
N VAL B 197 -25.33 -11.12 -14.93
CA VAL B 197 -24.33 -10.24 -14.35
C VAL B 197 -23.04 -10.82 -14.92
N THR B 198 -22.20 -10.03 -15.46
CA THR B 198 -20.95 -10.43 -16.03
C THR B 198 -19.81 -9.52 -15.59
N CYS B 199 -18.61 -10.00 -15.33
CA CYS B 199 -17.51 -9.13 -15.03
C CYS B 199 -16.69 -9.11 -16.34
N ASN B 200 -16.29 -7.93 -16.80
CA ASN B 200 -15.52 -7.72 -18.01
C ASN B 200 -14.11 -7.34 -17.54
N VAL B 201 -13.13 -8.16 -17.75
CA VAL B 201 -11.78 -7.93 -17.29
C VAL B 201 -10.88 -7.64 -18.47
N ALA B 202 -10.23 -6.49 -18.46
CA ALA B 202 -9.32 -6.09 -19.50
C ALA B 202 -7.92 -6.12 -18.96
N HIS B 203 -6.97 -6.67 -19.69
CA HIS B 203 -5.56 -6.67 -19.35
C HIS B 203 -4.84 -5.99 -20.52
N PRO B 204 -4.51 -4.69 -20.38
CA PRO B 204 -3.91 -3.98 -21.49
C PRO B 204 -2.59 -4.52 -21.93
N ALA B 205 -1.71 -4.94 -21.08
CA ALA B 205 -0.41 -5.37 -21.58
C ALA B 205 -0.49 -6.57 -22.53
N SER B 206 -1.50 -7.43 -22.35
CA SER B 206 -1.58 -8.60 -23.23
C SER B 206 -2.59 -8.39 -24.31
N SER B 207 -3.27 -7.26 -24.25
CA SER B 207 -4.33 -6.90 -25.18
C SER B 207 -5.37 -8.00 -25.17
N THR B 208 -5.83 -8.34 -24.00
CA THR B 208 -6.78 -9.43 -23.74
C THR B 208 -7.97 -8.94 -22.97
N LYS B 209 -9.16 -9.46 -23.20
CA LYS B 209 -10.39 -9.16 -22.54
C LYS B 209 -11.12 -10.50 -22.27
N VAL B 210 -11.67 -10.63 -21.07
CA VAL B 210 -12.40 -11.84 -20.72
C VAL B 210 -13.76 -11.43 -20.19
N ASP B 211 -14.89 -11.90 -20.62
CA ASP B 211 -16.19 -11.58 -20.10
C ASP B 211 -16.72 -12.79 -19.33
N LYS B 212 -16.81 -12.76 -18.00
CA LYS B 212 -17.29 -13.91 -17.26
C LYS B 212 -18.65 -13.71 -16.66
N LYS B 213 -19.62 -14.52 -17.06
CA LYS B 213 -21.00 -14.55 -16.62
C LYS B 213 -21.05 -15.25 -15.22
N ILE B 214 -21.72 -14.68 -14.23
CA ILE B 214 -21.82 -15.30 -12.91
C ILE B 214 -23.12 -16.07 -12.81
N VAL B 215 -23.04 -17.37 -12.69
CA VAL B 215 -24.27 -18.20 -12.60
C VAL B 215 -24.22 -18.94 -11.26
N PRO B 216 -25.52 -19.05 -10.73
CA PRO B 216 -25.59 -19.72 -9.43
C PRO B 216 -24.87 -21.05 -9.41
#